data_4CD6
#
_entry.id   4CD6
#
_cell.length_a   44.920
_cell.length_b   76.160
_cell.length_c   93.730
_cell.angle_alpha   90.00
_cell.angle_beta   90.00
_cell.angle_gamma   90.00
#
_symmetry.space_group_name_H-M   'P 21 21 21'
#
loop_
_entity.id
_entity.type
_entity.pdbx_description
1 polymer ENDO-BETA-1,4-MANNANASE
2 non-polymer 5-HYDROXYMETHYL-3,4-DIHYDROXYPIPERIDINE
3 non-polymer beta-D-mannopyranose
4 water water
#
_entity_poly.entity_id   1
_entity_poly.type   'polypeptide(L)'
_entity_poly.pdbx_seq_one_letter_code
;MGRIESAFDLGFIRGMTFGFVGQHGTWGTDEARASMRALAEQPFNWVTLAFAGLMEHPGDPAIAYGPPVTVSDDEIASMA
ELAHALGLKVCLKPTVNCRDGTWRGEIRFEKEHGPDLESWEAWFGSYSDMMAHYAHVAKRTGCEMFCVGCEMTTAEPHEA
MWRETIARVRTEYDGLVTYNCNHGREEHVRFWDAVDLISSSAYYPIDRWRDRVPVLREVAEAHEKPLFFMEVGCPSRSGS
GACPWDYRHPGAVCLDEQARFYEAMFAAMPDEPWFKGYMLWEWPWKLYPREAASEDGSYCIYGKPAEDVVARAFSAIANR
;
_entity_poly.pdbx_strand_id   A
#
# COMPACT_ATOMS: atom_id res chain seq x y z
N SER A 6 -21.03 -5.03 3.37
CA SER A 6 -20.27 -6.19 2.85
C SER A 6 -19.15 -5.71 1.95
N ALA A 7 -17.96 -6.29 2.17
CA ALA A 7 -16.81 -6.12 1.30
C ALA A 7 -17.10 -6.59 -0.12
N PHE A 8 -18.03 -7.54 -0.26
CA PHE A 8 -18.37 -8.07 -1.58
C PHE A 8 -19.04 -7.01 -2.48
N ASP A 9 -19.61 -5.99 -1.84
CA ASP A 9 -20.35 -4.87 -2.49
C ASP A 9 -19.42 -3.73 -2.92
N LEU A 10 -18.16 -3.80 -2.51
CA LEU A 10 -17.21 -2.74 -2.80
C LEU A 10 -17.07 -2.51 -4.29
N GLY A 11 -17.12 -1.25 -4.73
CA GLY A 11 -16.87 -0.94 -6.11
C GLY A 11 -15.43 -1.30 -6.47
N PHE A 12 -15.24 -1.85 -7.65
CA PHE A 12 -13.92 -2.24 -8.11
C PHE A 12 -12.95 -1.07 -7.97
N ILE A 13 -11.76 -1.36 -7.40
CA ILE A 13 -10.78 -0.34 -7.00
C ILE A 13 -9.86 0.03 -8.13
N ARG A 14 -9.85 1.32 -8.46
CA ARG A 14 -8.98 1.94 -9.43
C ARG A 14 -8.22 3.00 -8.65
N GLY A 15 -7.09 2.59 -8.08
CA GLY A 15 -6.52 3.39 -7.00
C GLY A 15 -5.08 3.77 -7.21
N MET A 16 -4.61 4.67 -6.34
CA MET A 16 -3.20 5.11 -6.39
C MET A 16 -2.70 5.46 -5.01
N THR A 17 -1.47 5.02 -4.67
CA THR A 17 -0.86 5.35 -3.36
C THR A 17 -0.17 6.72 -3.50
N PHE A 18 -0.34 7.56 -2.48
CA PHE A 18 0.17 8.94 -2.50
C PHE A 18 1.08 9.22 -1.33
N GLY A 19 2.19 9.91 -1.58
CA GLY A 19 2.86 10.65 -0.51
C GLY A 19 3.95 9.93 0.28
N PHE A 20 4.21 8.67 -0.04
CA PHE A 20 5.17 7.88 0.75
C PHE A 20 6.56 8.53 0.63
N VAL A 21 7.37 8.60 1.70
CA VAL A 21 7.15 7.97 3.02
C VAL A 21 6.45 8.82 4.07
N GLY A 22 5.94 9.96 3.64
CA GLY A 22 5.20 10.79 4.52
C GLY A 22 6.10 11.45 5.55
N GLN A 23 7.22 12.03 5.11
CA GLN A 23 8.10 12.84 6.01
C GLN A 23 7.35 14.05 6.55
N HIS A 24 7.62 14.40 7.79
CA HIS A 24 6.99 15.56 8.45
C HIS A 24 7.07 16.79 7.56
N GLY A 25 5.93 17.46 7.47
CA GLY A 25 5.80 18.72 6.74
C GLY A 25 5.57 18.60 5.24
N THR A 26 5.77 17.42 4.66
CA THR A 26 5.76 17.31 3.19
C THR A 26 4.36 17.33 2.55
N TRP A 27 3.33 16.94 3.31
CA TRP A 27 1.97 16.91 2.79
C TRP A 27 1.27 18.23 3.03
N GLY A 28 1.87 19.08 3.86
CA GLY A 28 1.29 20.40 4.14
C GLY A 28 1.68 21.43 3.11
N THR A 29 2.39 21.01 2.07
CA THR A 29 2.93 21.94 1.11
C THR A 29 1.91 22.18 -0.01
N ASP A 30 2.11 23.28 -0.73
CA ASP A 30 1.33 23.57 -1.93
C ASP A 30 1.66 22.55 -3.03
N GLU A 31 2.89 22.04 -3.01
CA GLU A 31 3.32 21.03 -3.97
C GLU A 31 2.49 19.75 -3.80
N ALA A 32 2.23 19.37 -2.57
CA ALA A 32 1.48 18.15 -2.29
C ALA A 32 0.02 18.32 -2.71
N ARG A 33 -0.54 19.50 -2.44
CA ARG A 33 -1.94 19.79 -2.82
C ARG A 33 -2.08 19.73 -4.33
N ALA A 34 -1.11 20.28 -5.04
CA ALA A 34 -1.12 20.25 -6.50
C ALA A 34 -0.97 18.85 -7.03
N SER A 35 -0.15 18.04 -6.37
CA SER A 35 0.11 16.69 -6.81
C SER A 35 -1.20 15.86 -6.62
N MET A 36 -1.89 16.10 -5.51
CA MET A 36 -3.14 15.39 -5.23
C MET A 36 -4.22 15.78 -6.23
N ARG A 37 -4.29 17.06 -6.59
CA ARG A 37 -5.20 17.49 -7.65
C ARG A 37 -4.90 16.79 -8.96
N ALA A 38 -3.64 16.63 -9.32
CA ALA A 38 -3.30 15.91 -10.54
C ALA A 38 -3.69 14.43 -10.48
N LEU A 39 -3.44 13.81 -9.33
CA LEU A 39 -3.83 12.41 -9.14
C LEU A 39 -5.33 12.25 -9.38
N ALA A 40 -6.13 13.18 -8.85
CA ALA A 40 -7.62 13.07 -8.94
C ALA A 40 -8.12 13.35 -10.36
N GLU A 41 -7.27 13.91 -11.22
CA GLU A 41 -7.63 14.07 -12.63
C GLU A 41 -7.45 12.77 -13.44
N GLN A 42 -6.79 11.77 -12.85
CA GLN A 42 -6.65 10.44 -13.45
C GLN A 42 -7.94 9.68 -13.18
N PRO A 43 -8.19 8.60 -13.94
CA PRO A 43 -9.43 7.82 -13.68
C PRO A 43 -9.35 6.89 -12.46
N PHE A 44 -9.11 7.50 -11.29
CA PHE A 44 -9.00 6.76 -10.04
C PHE A 44 -10.23 7.03 -9.19
N ASN A 45 -10.73 6.02 -8.50
CA ASN A 45 -11.77 6.26 -7.51
C ASN A 45 -11.25 6.21 -6.07
N TRP A 46 -10.01 5.71 -5.89
CA TRP A 46 -9.38 5.60 -4.59
C TRP A 46 -7.97 6.23 -4.56
N VAL A 47 -7.61 6.75 -3.38
CA VAL A 47 -6.24 7.07 -3.05
C VAL A 47 -5.89 6.46 -1.71
N THR A 48 -4.65 6.02 -1.58
CA THR A 48 -4.11 5.53 -0.31
C THR A 48 -3.08 6.55 0.19
N LEU A 49 -3.28 7.03 1.41
CA LEU A 49 -2.31 7.90 2.06
C LEU A 49 -1.38 7.01 2.87
N ALA A 50 -0.15 6.87 2.39
CA ALA A 50 0.81 5.94 2.94
C ALA A 50 1.97 6.69 3.57
N PHE A 51 2.38 6.28 4.78
CA PHE A 51 3.55 6.90 5.43
C PHE A 51 4.20 5.92 6.40
N ALA A 52 5.44 6.19 6.80
CA ALA A 52 6.20 5.22 7.60
C ALA A 52 6.77 5.82 8.86
N GLY A 53 6.47 5.20 10.00
CA GLY A 53 7.21 5.40 11.26
C GLY A 53 8.59 4.79 11.14
N LEU A 54 9.44 4.96 12.15
CA LEU A 54 10.80 4.44 12.01
C LEU A 54 11.21 3.66 13.24
N MET A 55 11.82 2.52 12.97
CA MET A 55 12.53 1.74 13.96
C MET A 55 14.00 2.04 13.74
N GLU A 56 14.74 2.13 14.85
CA GLU A 56 16.16 2.35 14.77
C GLU A 56 16.79 1.23 13.97
N HIS A 57 16.47 -0.01 14.35
CA HIS A 57 17.01 -1.22 13.72
C HIS A 57 15.93 -2.32 13.67
N PRO A 58 16.11 -3.38 12.81
CA PRO A 58 15.09 -4.44 12.72
C PRO A 58 14.89 -5.26 13.99
N GLY A 59 15.82 -5.15 14.94
CA GLY A 59 15.70 -5.85 16.23
C GLY A 59 15.42 -4.94 17.40
N ASP A 60 15.08 -3.69 17.13
CA ASP A 60 14.71 -2.74 18.19
C ASP A 60 13.18 -2.61 18.18
N PRO A 61 12.53 -2.90 19.31
CA PRO A 61 11.07 -2.83 19.40
C PRO A 61 10.44 -1.44 19.53
N ALA A 62 11.25 -0.38 19.49
CA ALA A 62 10.70 0.97 19.57
C ALA A 62 10.40 1.47 18.18
N ILE A 63 9.26 2.13 18.02
CA ILE A 63 8.86 2.73 16.74
C ILE A 63 8.58 4.22 16.90
N ALA A 64 9.32 5.05 16.18
CA ALA A 64 9.05 6.50 16.20
C ALA A 64 8.02 6.89 15.14
N TYR A 65 6.86 7.42 15.60
CA TYR A 65 5.86 7.97 14.69
C TYR A 65 5.39 9.36 15.11
N GLY A 66 4.64 10.02 14.25
CA GLY A 66 4.20 11.38 14.54
C GLY A 66 5.33 12.37 14.32
N PRO A 67 5.03 13.67 14.45
CA PRO A 67 6.09 14.66 14.30
C PRO A 67 7.17 14.38 15.36
N PRO A 68 8.46 14.59 15.03
CA PRO A 68 9.05 15.16 13.81
C PRO A 68 9.34 14.17 12.68
N VAL A 69 9.03 12.90 12.86
CA VAL A 69 9.43 11.91 11.87
C VAL A 69 8.42 11.84 10.74
N THR A 70 7.14 11.74 11.08
CA THR A 70 6.10 11.59 10.05
C THR A 70 5.28 12.86 9.93
N VAL A 71 4.56 12.94 8.83
CA VAL A 71 3.47 13.89 8.69
C VAL A 71 2.64 13.91 9.95
N SER A 72 2.22 15.11 10.33
CA SER A 72 1.36 15.27 11.48
C SER A 72 -0.05 14.77 11.23
N ASP A 73 -0.80 14.59 12.29
CA ASP A 73 -2.20 14.20 12.17
C ASP A 73 -2.98 15.25 11.38
N ASP A 74 -2.67 16.52 11.59
CA ASP A 74 -3.28 17.61 10.81
C ASP A 74 -2.96 17.49 9.30
N GLU A 75 -1.73 17.14 8.96
CA GLU A 75 -1.34 16.93 7.58
C GLU A 75 -2.13 15.79 6.96
N ILE A 76 -2.32 14.72 7.74
CA ILE A 76 -3.09 13.57 7.28
C ILE A 76 -4.53 14.04 6.97
N ALA A 77 -5.13 14.74 7.93
CA ALA A 77 -6.50 15.25 7.83
C ALA A 77 -6.66 16.19 6.65
N SER A 78 -5.64 17.01 6.43
CA SER A 78 -5.64 17.96 5.33
C SER A 78 -5.67 17.22 3.97
N MET A 79 -4.82 16.22 3.79
CA MET A 79 -4.82 15.45 2.55
C MET A 79 -6.09 14.62 2.39
N ALA A 80 -6.59 14.01 3.46
CA ALA A 80 -7.85 13.25 3.36
C ALA A 80 -9.02 14.15 2.95
N GLU A 81 -9.07 15.34 3.52
CA GLU A 81 -10.14 16.30 3.26
C GLU A 81 -10.10 16.73 1.78
N LEU A 82 -8.90 17.03 1.30
CA LEU A 82 -8.68 17.37 -0.11
C LEU A 82 -9.12 16.23 -1.05
N ALA A 83 -8.62 15.03 -0.80
CA ALA A 83 -9.00 13.85 -1.59
C ALA A 83 -10.53 13.62 -1.61
N HIS A 84 -11.17 13.73 -0.45
CA HIS A 84 -12.63 13.57 -0.34
C HIS A 84 -13.41 14.66 -1.10
N ALA A 85 -12.88 15.88 -1.07
CA ALA A 85 -13.48 17.01 -1.77
C ALA A 85 -13.34 16.87 -3.29
N LEU A 86 -12.36 16.06 -3.70
CA LEU A 86 -12.13 15.70 -5.10
C LEU A 86 -12.85 14.41 -5.54
N GLY A 87 -13.67 13.83 -4.66
CA GLY A 87 -14.49 12.69 -5.03
C GLY A 87 -13.84 11.32 -4.85
N LEU A 88 -12.63 11.29 -4.26
CA LEU A 88 -11.92 10.04 -4.04
C LEU A 88 -12.34 9.42 -2.72
N LYS A 89 -12.36 8.09 -2.70
CA LYS A 89 -12.32 7.34 -1.44
C LYS A 89 -10.88 7.23 -0.98
N VAL A 90 -10.69 7.13 0.33
CA VAL A 90 -9.35 7.23 0.91
C VAL A 90 -9.04 6.05 1.82
N CYS A 91 -7.90 5.41 1.61
CA CYS A 91 -7.38 4.39 2.53
C CYS A 91 -6.20 4.98 3.26
N LEU A 92 -6.19 4.85 4.59
CA LEU A 92 -5.03 5.25 5.37
C LEU A 92 -4.13 4.04 5.65
N LYS A 93 -2.85 4.19 5.31
CA LYS A 93 -1.88 3.14 5.42
C LYS A 93 -0.61 3.56 6.16
N PRO A 94 -0.66 3.52 7.50
CA PRO A 94 0.57 3.65 8.28
C PRO A 94 1.34 2.35 8.21
N THR A 95 2.66 2.46 8.04
CA THR A 95 3.56 1.33 8.17
C THR A 95 4.86 1.69 8.90
N VAL A 96 5.79 0.75 8.96
CA VAL A 96 7.10 0.97 9.62
C VAL A 96 8.27 0.70 8.69
N ASN A 97 9.25 1.59 8.74
CA ASN A 97 10.53 1.40 8.09
C ASN A 97 11.64 1.38 9.14
N CYS A 98 12.80 0.94 8.71
CA CYS A 98 13.99 0.87 9.54
C CYS A 98 14.99 1.92 9.05
N ARG A 99 15.60 2.66 9.97
CA ARG A 99 16.54 3.72 9.59
C ARG A 99 17.76 3.23 8.84
N ASP A 100 18.20 2.00 9.12
CA ASP A 100 19.33 1.41 8.38
C ASP A 100 18.97 0.84 7.01
N GLY A 101 17.69 0.96 6.62
CA GLY A 101 17.23 0.49 5.31
C GLY A 101 16.86 -0.97 5.21
N THR A 102 16.76 -1.66 6.35
CA THR A 102 16.30 -3.05 6.37
C THR A 102 14.80 -3.09 6.06
N TRP A 103 14.42 -3.92 5.10
CA TRP A 103 13.00 -4.21 4.82
C TRP A 103 12.21 -4.62 6.07
N ARG A 104 11.04 -4.03 6.26
CA ARG A 104 10.20 -4.33 7.40
C ARG A 104 9.72 -5.80 7.45
N GLY A 105 9.74 -6.50 6.31
CA GLY A 105 9.39 -7.90 6.28
C GLY A 105 10.40 -8.85 6.89
N GLU A 106 11.54 -8.28 7.32
CA GLU A 106 12.62 -9.04 7.92
C GLU A 106 12.95 -8.64 9.37
N ILE A 107 12.07 -7.93 10.03
CA ILE A 107 12.33 -7.58 11.42
C ILE A 107 12.31 -8.88 12.23
N ARG A 108 13.13 -8.93 13.29
CA ARG A 108 13.43 -10.18 14.01
C ARG A 108 13.76 -9.83 15.46
N PHE A 109 13.23 -10.61 16.39
CA PHE A 109 13.54 -10.52 17.82
C PHE A 109 13.96 -11.89 18.36
N GLU A 110 15.11 -11.91 19.04
CA GLU A 110 15.62 -13.14 19.66
C GLU A 110 14.73 -13.67 20.79
N LYS A 111 13.83 -12.82 21.32
CA LYS A 111 12.86 -13.24 22.33
C LYS A 111 11.44 -13.03 21.85
N GLU A 112 10.52 -13.86 22.33
CA GLU A 112 9.12 -13.77 22.01
C GLU A 112 8.33 -12.89 22.99
N HIS A 113 8.58 -13.07 24.29
CA HIS A 113 7.78 -12.38 25.32
C HIS A 113 8.62 -11.42 26.18
N GLY A 114 7.92 -10.55 26.91
CA GLY A 114 8.57 -9.56 27.80
C GLY A 114 8.56 -8.11 27.28
N PRO A 115 7.69 -7.26 27.86
CA PRO A 115 7.59 -5.86 27.42
C PRO A 115 8.87 -4.97 27.46
N ASP A 116 9.79 -5.24 28.39
CA ASP A 116 11.01 -4.41 28.50
C ASP A 116 12.22 -4.99 27.77
N LEU A 117 12.00 -6.17 27.16
CA LEU A 117 13.04 -6.89 26.46
C LEU A 117 12.92 -6.60 24.97
N GLU A 118 13.97 -6.95 24.24
CA GLU A 118 13.96 -6.89 22.79
C GLU A 118 13.11 -8.09 22.29
N SER A 119 11.80 -7.97 22.44
CA SER A 119 10.87 -9.05 22.15
C SER A 119 9.81 -8.68 21.10
N TRP A 120 9.15 -9.72 20.59
CA TRP A 120 7.99 -9.56 19.72
C TRP A 120 6.85 -8.94 20.48
N GLU A 121 6.66 -9.35 21.74
CA GLU A 121 5.61 -8.76 22.59
C GLU A 121 5.78 -7.25 22.70
N ALA A 122 7.00 -6.82 22.99
CA ALA A 122 7.33 -5.39 23.08
C ALA A 122 7.11 -4.67 21.75
N TRP A 123 7.62 -5.25 20.66
CA TRP A 123 7.43 -4.64 19.34
C TRP A 123 5.96 -4.48 18.95
N PHE A 124 5.16 -5.51 19.21
CA PHE A 124 3.73 -5.44 18.92
C PHE A 124 3.04 -4.41 19.80
N GLY A 125 3.59 -4.16 20.97
CA GLY A 125 3.06 -3.12 21.85
C GLY A 125 3.18 -1.79 21.19
N SER A 126 4.37 -1.48 20.68
CA SER A 126 4.63 -0.20 19.98
C SER A 126 3.81 -0.13 18.71
N TYR A 127 3.85 -1.20 17.91
CA TYR A 127 3.12 -1.25 16.64
C TYR A 127 1.63 -1.04 16.82
N SER A 128 1.04 -1.78 17.76
CA SER A 128 -0.36 -1.64 18.10
C SER A 128 -0.73 -0.22 18.59
N ASP A 129 0.15 0.41 19.38
CA ASP A 129 -0.07 1.78 19.81
C ASP A 129 -0.20 2.69 18.56
N MET A 130 0.76 2.52 17.65
CA MET A 130 0.78 3.27 16.41
C MET A 130 -0.48 3.06 15.59
N MET A 131 -0.86 1.81 15.38
CA MET A 131 -2.02 1.48 14.53
CA MET A 131 -2.00 1.51 14.52
C MET A 131 -3.31 1.95 15.18
N ALA A 132 -3.36 1.90 16.50
CA ALA A 132 -4.59 2.27 17.21
C ALA A 132 -4.82 3.77 17.06
N HIS A 133 -3.72 4.52 17.14
CA HIS A 133 -3.74 5.95 16.99
C HIS A 133 -4.20 6.33 15.60
N TYR A 134 -3.59 5.74 14.58
CA TYR A 134 -3.96 6.09 13.21
C TYR A 134 -5.34 5.56 12.77
N ALA A 135 -5.78 4.46 13.35
CA ALA A 135 -7.16 4.00 13.15
C ALA A 135 -8.15 5.04 13.62
N HIS A 136 -7.87 5.65 14.77
CA HIS A 136 -8.70 6.74 15.29
C HIS A 136 -8.71 7.93 14.32
N VAL A 137 -7.53 8.28 13.81
CA VAL A 137 -7.40 9.34 12.78
C VAL A 137 -8.23 9.01 11.54
N ALA A 138 -8.14 7.76 11.09
CA ALA A 138 -8.93 7.32 9.93
C ALA A 138 -10.42 7.47 10.20
N LYS A 139 -10.86 7.16 11.42
CA LYS A 139 -12.26 7.34 11.76
C LYS A 139 -12.63 8.83 11.78
N ARG A 140 -11.86 9.66 12.50
CA ARG A 140 -12.13 11.11 12.61
C ARG A 140 -12.09 11.84 11.25
N THR A 141 -11.30 11.33 10.30
CA THR A 141 -11.19 11.95 8.96
C THR A 141 -12.04 11.29 7.88
N GLY A 142 -12.87 10.33 8.28
CA GLY A 142 -13.76 9.65 7.37
C GLY A 142 -13.12 8.76 6.32
N CYS A 143 -11.92 8.25 6.59
CA CYS A 143 -11.29 7.36 5.63
C CYS A 143 -12.09 6.06 5.50
N GLU A 144 -12.39 5.71 4.26
CA GLU A 144 -13.23 4.55 3.89
C GLU A 144 -12.55 3.17 4.09
N MET A 145 -11.23 3.15 4.16
CA MET A 145 -10.46 1.94 4.45
C MET A 145 -9.24 2.26 5.31
N PHE A 146 -8.80 1.26 6.07
CA PHE A 146 -7.60 1.33 6.90
C PHE A 146 -6.81 0.05 6.64
N CYS A 147 -5.51 0.20 6.39
CA CYS A 147 -4.61 -0.92 6.17
C CYS A 147 -3.76 -1.15 7.45
N VAL A 148 -3.96 -2.29 8.10
CA VAL A 148 -3.35 -2.60 9.41
C VAL A 148 -1.90 -3.08 9.34
N GLY A 149 -1.43 -3.38 8.14
CA GLY A 149 -0.04 -3.75 7.97
C GLY A 149 0.31 -4.00 6.52
N CYS A 150 1.63 -4.02 6.28
CA CYS A 150 2.17 -4.07 4.95
C CYS A 150 3.45 -4.90 4.91
N GLU A 151 3.38 -6.07 4.29
CA GLU A 151 4.59 -6.87 3.99
C GLU A 151 5.33 -7.38 5.22
N MET A 152 4.61 -7.64 6.30
CA MET A 152 5.27 -8.00 7.56
C MET A 152 5.49 -9.50 7.64
N THR A 153 6.28 -10.05 6.71
CA THR A 153 6.42 -11.49 6.61
C THR A 153 6.87 -12.20 7.89
N THR A 154 7.88 -11.66 8.56
CA THR A 154 8.34 -12.29 9.80
C THR A 154 7.37 -12.13 10.94
N ALA A 155 6.53 -11.09 10.88
CA ALA A 155 5.56 -10.87 11.94
C ALA A 155 4.35 -11.76 11.78
N GLU A 156 4.08 -12.24 10.56
CA GLU A 156 2.83 -12.92 10.29
C GLU A 156 2.55 -14.17 11.15
N PRO A 157 3.58 -14.97 11.47
CA PRO A 157 3.34 -16.18 12.26
C PRO A 157 2.86 -15.90 13.68
N HIS A 158 3.03 -14.66 14.16
CA HIS A 158 2.55 -14.21 15.45
C HIS A 158 1.10 -13.84 15.34
N GLU A 159 0.32 -14.89 15.17
CA GLU A 159 -1.05 -14.75 14.80
C GLU A 159 -1.87 -14.14 15.95
N ALA A 160 -1.68 -14.62 17.17
CA ALA A 160 -2.44 -14.11 18.30
C ALA A 160 -2.21 -12.61 18.48
N MET A 161 -0.96 -12.19 18.35
CA MET A 161 -0.61 -10.78 18.43
C MET A 161 -1.21 -9.96 17.28
N TRP A 162 -1.28 -10.52 16.07
CA TRP A 162 -1.95 -9.80 14.96
C TRP A 162 -3.41 -9.63 15.28
N ARG A 163 -4.02 -10.68 15.82
CA ARG A 163 -5.45 -10.63 16.12
C ARG A 163 -5.71 -9.61 17.24
N GLU A 164 -4.79 -9.50 18.19
CA GLU A 164 -4.87 -8.46 19.24
C GLU A 164 -4.80 -7.05 18.65
N THR A 165 -3.82 -6.84 17.78
CA THR A 165 -3.68 -5.59 17.05
C THR A 165 -4.96 -5.22 16.29
N ILE A 166 -5.51 -6.15 15.52
CA ILE A 166 -6.68 -5.89 14.71
C ILE A 166 -7.91 -5.61 15.59
N ALA A 167 -8.03 -6.34 16.69
CA ALA A 167 -9.19 -6.16 17.56
C ALA A 167 -9.21 -4.74 18.11
N ARG A 168 -8.03 -4.24 18.50
CA ARG A 168 -7.88 -2.87 19.01
C ARG A 168 -8.23 -1.86 17.93
N VAL A 169 -7.75 -2.09 16.71
CA VAL A 169 -8.13 -1.25 15.58
C VAL A 169 -9.67 -1.20 15.39
N ARG A 170 -10.35 -2.33 15.52
CA ARG A 170 -11.79 -2.37 15.34
C ARG A 170 -12.55 -1.52 16.38
N THR A 171 -11.99 -1.36 17.59
CA THR A 171 -12.64 -0.53 18.61
C THR A 171 -12.49 0.94 18.28
N GLU A 172 -11.51 1.26 17.44
CA GLU A 172 -11.21 2.65 17.10
C GLU A 172 -11.70 3.08 15.72
N TYR A 173 -12.17 2.12 14.92
CA TYR A 173 -12.41 2.40 13.49
C TYR A 173 -13.46 1.46 12.92
N ASP A 174 -14.46 2.04 12.24
CA ASP A 174 -15.65 1.31 11.79
C ASP A 174 -15.65 1.01 10.31
N GLY A 175 -14.63 1.44 9.56
CA GLY A 175 -14.63 1.22 8.13
C GLY A 175 -14.01 -0.09 7.69
N LEU A 176 -13.75 -0.20 6.41
CA LEU A 176 -13.14 -1.40 5.87
C LEU A 176 -11.71 -1.59 6.37
N VAL A 177 -11.38 -2.81 6.77
CA VAL A 177 -10.02 -3.11 7.20
C VAL A 177 -9.36 -4.14 6.29
N THR A 178 -8.13 -3.85 5.86
CA THR A 178 -7.35 -4.84 5.12
C THR A 178 -5.98 -5.03 5.75
N TYR A 179 -5.37 -6.17 5.47
CA TYR A 179 -3.94 -6.42 5.73
C TYR A 179 -3.31 -6.71 4.39
N ASN A 180 -2.14 -6.10 4.15
CA ASN A 180 -1.41 -6.17 2.86
C ASN A 180 -0.19 -7.03 3.04
N CYS A 181 -0.25 -8.27 2.52
CA CYS A 181 0.85 -9.19 2.63
C CYS A 181 1.75 -9.01 1.40
N ASN A 182 2.96 -9.54 1.46
CA ASN A 182 3.86 -9.48 0.33
C ASN A 182 3.41 -10.47 -0.74
N HIS A 183 3.81 -10.24 -1.98
CA HIS A 183 3.64 -11.26 -2.98
C HIS A 183 4.21 -12.60 -2.52
N GLY A 184 3.47 -13.67 -2.83
CA GLY A 184 3.80 -15.02 -2.42
C GLY A 184 3.38 -15.40 -1.01
N ARG A 185 2.77 -14.47 -0.27
CA ARG A 185 2.33 -14.76 1.06
C ARG A 185 0.83 -14.91 1.19
N GLU A 186 0.09 -14.68 0.10
CA GLU A 186 -1.39 -14.69 0.15
C GLU A 186 -1.95 -15.96 0.77
N GLU A 187 -1.38 -17.11 0.40
CA GLU A 187 -1.88 -18.42 0.85
C GLU A 187 -1.35 -18.81 2.24
N HIS A 188 -0.40 -18.04 2.78
CA HIS A 188 0.28 -18.40 4.02
C HIS A 188 -0.24 -17.66 5.24
N VAL A 189 -0.91 -16.53 5.04
CA VAL A 189 -1.36 -15.73 6.16
C VAL A 189 -2.54 -16.48 6.80
N ARG A 190 -2.55 -16.54 8.13
CA ARG A 190 -3.55 -17.35 8.85
C ARG A 190 -4.65 -16.55 9.54
N PHE A 191 -4.61 -15.24 9.40
CA PHE A 191 -5.62 -14.37 10.03
C PHE A 191 -6.45 -13.54 9.04
N TRP A 192 -6.64 -14.07 7.82
CA TRP A 192 -7.49 -13.37 6.87
C TRP A 192 -8.95 -13.21 7.34
N ASP A 193 -9.42 -14.15 8.14
CA ASP A 193 -10.74 -14.04 8.71
C ASP A 193 -10.94 -12.78 9.56
N ALA A 194 -9.87 -12.21 10.10
CA ALA A 194 -9.97 -11.04 10.98
C ALA A 194 -10.07 -9.70 10.24
N VAL A 195 -9.87 -9.70 8.92
CA VAL A 195 -10.00 -8.49 8.10
C VAL A 195 -11.15 -8.64 7.06
N ASP A 196 -11.46 -7.55 6.37
CA ASP A 196 -12.59 -7.52 5.46
C ASP A 196 -12.20 -7.84 4.03
N LEU A 197 -10.97 -7.48 3.66
CA LEU A 197 -10.47 -7.68 2.30
C LEU A 197 -9.05 -8.22 2.43
N ILE A 198 -8.74 -9.20 1.61
CA ILE A 198 -7.39 -9.75 1.50
C ILE A 198 -6.67 -8.83 0.52
N SER A 199 -5.45 -8.43 0.83
CA SER A 199 -4.69 -7.67 -0.16
C SER A 199 -3.22 -8.00 -0.15
N SER A 200 -2.58 -7.72 -1.28
CA SER A 200 -1.18 -8.07 -1.42
C SER A 200 -0.39 -7.03 -2.21
N SER A 201 0.94 -7.10 -2.04
CA SER A 201 1.91 -6.29 -2.79
C SER A 201 2.33 -7.14 -3.96
N ALA A 202 1.55 -7.01 -5.01
CA ALA A 202 1.55 -7.98 -6.12
C ALA A 202 2.60 -7.66 -7.15
N TYR A 203 3.85 -7.62 -6.70
CA TYR A 203 5.00 -7.27 -7.56
C TYR A 203 5.46 -8.55 -8.24
N TYR A 204 4.60 -9.10 -9.10
CA TYR A 204 4.92 -10.32 -9.85
C TYR A 204 5.69 -9.97 -11.11
N PRO A 205 6.82 -10.65 -11.37
CA PRO A 205 7.50 -10.38 -12.64
C PRO A 205 6.55 -10.60 -13.83
N ILE A 206 6.80 -9.88 -14.90
CA ILE A 206 6.00 -9.99 -16.10
C ILE A 206 5.64 -11.44 -16.44
N ASP A 207 6.61 -12.34 -16.46
CA ASP A 207 6.32 -13.72 -16.93
C ASP A 207 5.61 -14.61 -15.89
N ARG A 208 5.35 -14.10 -14.67
CA ARG A 208 4.76 -14.90 -13.58
C ARG A 208 3.22 -14.70 -13.37
N TRP A 209 2.69 -13.64 -13.96
CA TRP A 209 1.27 -13.28 -13.80
C TRP A 209 0.29 -14.40 -14.12
N ARG A 210 0.40 -14.97 -15.31
CA ARG A 210 -0.57 -16.01 -15.72
C ARG A 210 -0.60 -17.19 -14.75
N ASP A 211 0.59 -17.65 -14.33
CA ASP A 211 0.71 -18.83 -13.49
C ASP A 211 0.26 -18.57 -12.07
N ARG A 212 0.27 -17.31 -11.65
CA ARG A 212 -0.07 -16.94 -10.29
C ARG A 212 -1.58 -16.73 -10.06
N VAL A 213 -2.32 -16.30 -11.09
CA VAL A 213 -3.74 -16.01 -10.94
C VAL A 213 -4.53 -17.15 -10.30
N PRO A 214 -4.30 -18.40 -10.72
CA PRO A 214 -5.10 -19.48 -10.11
C PRO A 214 -4.99 -19.57 -8.60
N VAL A 215 -3.80 -19.33 -8.06
CA VAL A 215 -3.66 -19.38 -6.60
C VAL A 215 -4.39 -18.22 -5.94
N LEU A 216 -4.33 -17.05 -6.55
CA LEU A 216 -5.04 -15.86 -6.02
C LEU A 216 -6.53 -16.14 -5.92
N ARG A 217 -7.10 -16.69 -7.01
CA ARG A 217 -8.50 -17.10 -7.01
C ARG A 217 -8.79 -18.07 -5.88
N GLU A 218 -7.95 -19.10 -5.73
CA GLU A 218 -8.19 -20.14 -4.73
C GLU A 218 -8.11 -19.56 -3.30
N VAL A 219 -7.20 -18.63 -3.08
CA VAL A 219 -7.10 -18.00 -1.75
C VAL A 219 -8.39 -17.21 -1.42
N ALA A 220 -8.91 -16.47 -2.39
CA ALA A 220 -10.11 -15.67 -2.17
C ALA A 220 -11.27 -16.62 -1.90
N GLU A 221 -11.40 -17.65 -2.73
CA GLU A 221 -12.52 -18.55 -2.57
C GLU A 221 -12.44 -19.38 -1.29
N ALA A 222 -11.22 -19.77 -0.92
CA ALA A 222 -11.00 -20.54 0.31
C ALA A 222 -11.38 -19.77 1.57
N HIS A 223 -11.03 -18.50 1.57
CA HIS A 223 -11.28 -17.63 2.72
C HIS A 223 -12.60 -16.90 2.64
N GLU A 224 -13.33 -17.08 1.54
CA GLU A 224 -14.63 -16.41 1.33
C GLU A 224 -14.54 -14.92 1.55
N LYS A 225 -13.50 -14.33 0.96
CA LYS A 225 -13.24 -12.89 1.03
C LYS A 225 -12.84 -12.40 -0.35
N PRO A 226 -13.16 -11.15 -0.69
CA PRO A 226 -12.54 -10.56 -1.88
C PRO A 226 -11.05 -10.28 -1.68
N LEU A 227 -10.37 -10.22 -2.80
CA LEU A 227 -8.93 -9.99 -2.87
C LEU A 227 -8.61 -8.85 -3.79
N PHE A 228 -7.72 -7.95 -3.35
CA PHE A 228 -7.22 -6.90 -4.24
C PHE A 228 -5.73 -6.68 -4.03
N PHE A 229 -5.16 -5.81 -4.86
CA PHE A 229 -3.73 -5.52 -4.75
C PHE A 229 -3.57 -4.17 -4.05
N MET A 230 -3.05 -4.17 -2.81
CA MET A 230 -2.84 -2.93 -2.09
C MET A 230 -1.58 -2.23 -2.56
N GLU A 231 -0.67 -2.96 -3.16
CA GLU A 231 0.41 -2.31 -3.96
C GLU A 231 0.59 -3.11 -5.22
N VAL A 232 0.73 -2.40 -6.32
CA VAL A 232 1.21 -3.02 -7.54
C VAL A 232 1.80 -1.92 -8.41
N GLY A 233 2.93 -2.21 -9.05
CA GLY A 233 3.61 -1.19 -9.85
C GLY A 233 4.96 -1.70 -10.36
N CYS A 234 5.62 -0.84 -11.10
CA CYS A 234 6.93 -1.18 -11.68
C CYS A 234 7.66 0.13 -11.96
N PRO A 235 8.97 0.21 -11.63
CA PRO A 235 9.76 1.37 -12.03
C PRO A 235 9.96 1.40 -13.52
N SER A 236 10.05 2.60 -14.08
CA SER A 236 10.40 2.77 -15.50
C SER A 236 11.91 2.75 -15.66
N ARG A 237 12.52 1.59 -15.39
CA ARG A 237 13.94 1.36 -15.61
CA ARG A 237 13.94 1.38 -15.62
C ARG A 237 14.15 0.06 -16.35
N SER A 238 15.22 0.01 -17.13
CA SER A 238 15.58 -1.15 -17.90
C SER A 238 15.65 -2.43 -17.03
N GLY A 239 14.96 -3.49 -17.49
CA GLY A 239 14.96 -4.79 -16.77
C GLY A 239 14.05 -4.89 -15.54
N SER A 240 13.40 -3.79 -15.17
CA SER A 240 12.61 -3.74 -13.91
C SER A 240 11.39 -4.66 -13.90
N GLY A 241 10.84 -4.95 -15.08
CA GLY A 241 9.70 -5.88 -15.20
C GLY A 241 9.97 -7.27 -14.64
N ALA A 242 11.25 -7.65 -14.60
CA ALA A 242 11.66 -8.95 -14.05
C ALA A 242 11.76 -8.93 -12.51
N CYS A 243 11.73 -7.74 -11.91
CA CYS A 243 11.89 -7.60 -10.48
C CYS A 243 11.19 -6.31 -10.03
N PRO A 244 9.86 -6.25 -10.22
CA PRO A 244 9.15 -4.98 -10.08
C PRO A 244 9.21 -4.36 -8.68
N TRP A 245 9.50 -5.19 -7.67
CA TRP A 245 9.63 -4.79 -6.26
C TRP A 245 10.91 -4.01 -5.98
N ASP A 246 11.90 -4.10 -6.87
CA ASP A 246 13.24 -3.48 -6.63
C ASP A 246 13.25 -1.98 -6.98
N TYR A 247 13.26 -1.15 -5.94
CA TYR A 247 13.19 0.30 -6.10
C TYR A 247 14.55 0.96 -6.36
N ARG A 248 15.62 0.20 -6.19
CA ARG A 248 16.99 0.72 -6.46
C ARG A 248 17.65 -0.17 -7.53
N HIS A 249 16.97 -0.28 -8.67
CA HIS A 249 17.39 -1.19 -9.72
C HIS A 249 18.48 -0.53 -10.53
N PRO A 250 19.62 -1.21 -10.67
CA PRO A 250 20.69 -0.61 -11.44
C PRO A 250 20.42 -0.69 -12.94
N GLY A 251 19.69 0.31 -13.46
CA GLY A 251 19.37 0.41 -14.90
C GLY A 251 18.92 1.80 -15.33
N ALA A 252 19.09 2.10 -16.62
CA ALA A 252 18.71 3.41 -17.15
C ALA A 252 17.19 3.49 -17.25
N VAL A 253 16.69 4.72 -17.34
CA VAL A 253 15.26 4.95 -17.55
C VAL A 253 14.81 4.15 -18.75
N CYS A 254 13.66 3.50 -18.60
CA CYS A 254 13.04 2.80 -19.73
C CYS A 254 11.52 2.86 -19.52
N LEU A 255 10.88 3.84 -20.18
CA LEU A 255 9.41 4.00 -20.05
C LEU A 255 8.64 2.78 -20.53
N ASP A 256 9.07 2.16 -21.62
CA ASP A 256 8.34 1.05 -22.22
C ASP A 256 8.32 -0.18 -21.33
N GLU A 257 9.37 -0.38 -20.53
CA GLU A 257 9.43 -1.54 -19.62
C GLU A 257 8.29 -1.48 -18.61
N GLN A 258 8.08 -0.30 -18.02
CA GLN A 258 6.96 -0.06 -17.11
C GLN A 258 5.61 -0.32 -17.76
N ALA A 259 5.47 0.13 -18.99
CA ALA A 259 4.23 -0.09 -19.76
C ALA A 259 4.02 -1.59 -20.03
N ARG A 260 5.10 -2.30 -20.31
CA ARG A 260 5.02 -3.74 -20.49
C ARG A 260 4.55 -4.45 -19.20
N PHE A 261 4.98 -3.97 -18.03
CA PHE A 261 4.52 -4.56 -16.78
C PHE A 261 2.98 -4.44 -16.67
N TYR A 262 2.49 -3.24 -16.91
CA TYR A 262 1.06 -2.97 -16.79
C TYR A 262 0.25 -3.77 -17.82
N GLU A 263 0.75 -3.90 -19.07
CA GLU A 263 0.04 -4.73 -20.05
C GLU A 263 -0.08 -6.20 -19.60
N ALA A 264 1.00 -6.74 -19.04
CA ALA A 264 1.02 -8.14 -18.65
C ALA A 264 0.03 -8.39 -17.52
N MET A 265 0.01 -7.45 -16.57
CA MET A 265 -0.86 -7.57 -15.40
C MET A 265 -2.33 -7.53 -15.83
N PHE A 266 -2.68 -6.54 -16.63
CA PHE A 266 -4.06 -6.37 -17.08
C PHE A 266 -4.48 -7.52 -17.98
N ALA A 267 -3.56 -8.04 -18.77
CA ALA A 267 -3.86 -9.20 -19.62
C ALA A 267 -4.11 -10.45 -18.78
N ALA A 268 -3.44 -10.58 -17.63
CA ALA A 268 -3.58 -11.79 -16.78
C ALA A 268 -4.82 -11.80 -15.91
N MET A 269 -5.23 -10.63 -15.41
CA MET A 269 -6.31 -10.61 -14.41
C MET A 269 -7.70 -10.80 -15.01
N PRO A 270 -8.47 -11.76 -14.49
CA PRO A 270 -9.79 -12.07 -15.04
C PRO A 270 -10.86 -11.17 -14.48
N ASP A 271 -11.96 -11.06 -15.23
CA ASP A 271 -13.11 -10.28 -14.82
C ASP A 271 -14.02 -11.20 -14.02
N GLU A 272 -13.63 -11.45 -12.77
CA GLU A 272 -14.38 -12.33 -11.86
C GLU A 272 -14.63 -11.65 -10.49
N PRO A 273 -15.75 -11.98 -9.84
CA PRO A 273 -16.23 -11.22 -8.68
C PRO A 273 -15.32 -11.19 -7.46
N TRP A 274 -14.47 -12.20 -7.30
CA TRP A 274 -13.56 -12.31 -6.15
C TRP A 274 -12.44 -11.24 -6.21
N PHE A 275 -12.16 -10.75 -7.41
CA PHE A 275 -11.07 -9.80 -7.57
C PHE A 275 -11.60 -8.36 -7.54
N LYS A 276 -11.12 -7.56 -6.56
CA LYS A 276 -11.62 -6.19 -6.37
C LYS A 276 -10.67 -5.04 -6.78
N GLY A 277 -9.59 -5.35 -7.50
CA GLY A 277 -8.85 -4.28 -8.16
C GLY A 277 -7.44 -3.94 -7.69
N TYR A 278 -7.08 -2.68 -7.96
CA TYR A 278 -5.67 -2.25 -8.05
C TYR A 278 -5.42 -0.96 -7.31
N MET A 279 -4.55 -1.01 -6.29
CA MET A 279 -4.06 0.20 -5.64
C MET A 279 -2.60 0.36 -6.11
N LEU A 280 -2.44 1.24 -7.07
CA LEU A 280 -1.15 1.38 -7.73
C LEU A 280 -0.11 2.01 -6.82
N TRP A 281 1.15 1.65 -7.09
CA TRP A 281 2.32 2.16 -6.38
C TRP A 281 3.14 2.86 -7.44
N GLU A 282 3.39 4.16 -7.38
CA GLU A 282 2.96 5.11 -6.37
C GLU A 282 2.98 6.50 -7.01
N TRP A 283 2.59 7.49 -6.22
CA TRP A 283 2.50 8.89 -6.67
C TRP A 283 3.20 9.77 -5.64
N PRO A 284 4.18 10.61 -6.07
CA PRO A 284 4.94 11.41 -5.10
C PRO A 284 4.21 12.64 -4.59
N TRP A 285 4.49 13.08 -3.36
CA TRP A 285 3.94 14.36 -2.89
C TRP A 285 4.48 15.54 -3.71
N LYS A 286 5.69 15.40 -4.25
CA LYS A 286 6.31 16.43 -5.10
C LYS A 286 6.35 15.89 -6.52
N LEU A 287 5.36 16.26 -7.33
CA LEU A 287 5.18 15.67 -8.67
C LEU A 287 5.96 16.45 -9.70
N TYR A 288 6.75 15.74 -10.50
CA TYR A 288 7.51 16.37 -11.58
C TYR A 288 6.58 16.89 -12.70
N PRO A 289 7.01 17.95 -13.43
CA PRO A 289 6.23 18.35 -14.62
C PRO A 289 6.15 17.22 -15.64
N ARG A 290 5.08 17.19 -16.44
CA ARG A 290 4.90 16.08 -17.38
C ARG A 290 6.03 16.00 -18.39
N GLU A 291 6.61 17.16 -18.74
CA GLU A 291 7.74 17.25 -19.67
C GLU A 291 8.91 16.41 -19.18
N ALA A 292 9.16 16.48 -17.87
CA ALA A 292 10.27 15.77 -17.24
C ALA A 292 10.06 14.25 -17.13
N ALA A 293 8.89 13.76 -17.56
CA ALA A 293 8.55 12.32 -17.40
C ALA A 293 9.53 11.38 -18.09
N SER A 294 9.93 11.69 -19.33
CA SER A 294 10.81 10.81 -20.11
C SER A 294 12.16 10.57 -19.42
N GLU A 295 12.49 11.44 -18.47
CA GLU A 295 13.73 11.37 -17.69
C GLU A 295 13.52 10.76 -16.28
N ASP A 296 12.33 10.23 -16.00
CA ASP A 296 12.03 9.74 -14.65
C ASP A 296 12.04 8.21 -14.60
N GLY A 297 12.79 7.65 -13.64
CA GLY A 297 12.89 6.20 -13.43
C GLY A 297 12.03 5.64 -12.29
N SER A 298 11.16 6.48 -11.71
CA SER A 298 10.38 6.07 -10.54
C SER A 298 9.20 5.17 -10.90
N TYR A 299 8.51 4.73 -9.85
CA TYR A 299 7.24 3.99 -9.99
C TYR A 299 6.09 4.85 -10.55
N CYS A 300 6.22 6.16 -10.49
CA CYS A 300 5.13 7.02 -10.97
C CYS A 300 4.84 6.80 -12.47
N ILE A 301 3.56 6.72 -12.81
CA ILE A 301 3.17 6.54 -14.20
C ILE A 301 2.93 7.88 -14.92
N TYR A 302 2.90 8.99 -14.17
CA TYR A 302 2.50 10.31 -14.72
C TYR A 302 3.39 10.74 -15.87
N GLY A 303 2.78 11.08 -17.00
CA GLY A 303 3.53 11.59 -18.17
C GLY A 303 4.14 10.49 -19.00
N LYS A 304 3.95 9.23 -18.59
CA LYS A 304 4.54 8.10 -19.26
C LYS A 304 3.52 7.27 -20.02
N PRO A 305 4.01 6.40 -20.89
CA PRO A 305 3.09 5.53 -21.64
C PRO A 305 2.21 4.67 -20.74
N ALA A 306 2.71 4.26 -19.56
CA ALA A 306 1.88 3.48 -18.61
C ALA A 306 0.64 4.26 -18.15
N GLU A 307 0.73 5.59 -18.10
CA GLU A 307 -0.44 6.41 -17.78
C GLU A 307 -1.64 6.11 -18.70
N ASP A 308 -1.36 5.93 -19.99
CA ASP A 308 -2.36 5.64 -21.01
C ASP A 308 -2.84 4.19 -20.94
N VAL A 309 -1.93 3.26 -20.65
CA VAL A 309 -2.30 1.86 -20.51
C VAL A 309 -3.27 1.78 -19.35
N VAL A 310 -2.93 2.44 -18.26
CA VAL A 310 -3.81 2.43 -17.08
C VAL A 310 -5.14 3.16 -17.34
N ALA A 311 -5.08 4.37 -17.89
CA ALA A 311 -6.30 5.15 -18.21
C ALA A 311 -7.28 4.36 -19.06
N ARG A 312 -6.75 3.72 -20.11
CA ARG A 312 -7.52 2.91 -21.04
C ARG A 312 -8.16 1.76 -20.29
N ALA A 313 -7.36 1.10 -19.45
CA ALA A 313 -7.86 -0.01 -18.68
C ALA A 313 -8.90 0.46 -17.64
N PHE A 314 -8.57 1.50 -16.90
CA PHE A 314 -9.44 2.00 -15.82
C PHE A 314 -10.72 2.67 -16.36
N SER A 315 -10.57 3.40 -17.47
CA SER A 315 -11.72 4.04 -18.11
C SER A 315 -12.68 3.00 -18.70
N ALA A 316 -12.12 1.94 -19.29
CA ALA A 316 -12.94 0.81 -19.75
C ALA A 316 -13.75 0.20 -18.60
N ILE A 317 -13.13 0.08 -17.42
CA ILE A 317 -13.78 -0.53 -16.26
C ILE A 317 -14.91 0.36 -15.77
N ALA A 318 -14.59 1.63 -15.55
CA ALA A 318 -15.58 2.59 -15.08
C ALA A 318 -16.77 2.76 -16.06
N ASN A 319 -16.47 3.05 -17.32
CA ASN A 319 -17.49 3.30 -18.35
C ASN A 319 -18.17 2.00 -18.85
N ARG A 320 -18.14 0.95 -18.03
CA ARG A 320 -18.76 -0.34 -18.35
C ARG A 320 -20.04 -0.52 -17.54
#